data_5V32
#
_entry.id   5V32
#
_cell.length_a   79.391
_cell.length_b   97.856
_cell.length_c   97.971
_cell.angle_alpha   90.000
_cell.angle_beta   90.000
_cell.angle_gamma   90.000
#
_symmetry.space_group_name_H-M   'I 2 2 2'
#
loop_
_entity.id
_entity.type
_entity.pdbx_description
1 polymer '2-oxoglutarate-dependent ethylene/succinate-forming enzyme'
2 non-polymer 'MANGANESE (II) ION'
3 non-polymer D-MALATE
4 water water
#
_entity_poly.entity_id   1
_entity_poly.type   'polypeptide(L)'
_entity_poly.pdbx_seq_one_letter_code
;SHMTNLQTFELPTEVTGCAADISLGRALIQAWQKDGIFQIKTDSEQDRKTQEAMAASKQFCKEPLTFKSSCVSDLTYSGY
VASGEEVTAGKPDFPEIFTVCKDLSVGDQRVKAGWPCHGPVPWPNNTYQKSMKTFMEELGLAGERLLKLTALGFELPINT
FTDLTRDGWHHMRVLRFPPQTSTLSRGIGAHTDYGLLVIAAQDDVGGLYIRPPVEGEKRNRNWLPGESSAGMFEHDEPWT
FVTPTPGVWTVFPGDILQFMTGGQLLSTPHKVKLNTRERFACAYFHEPNFEASAYPLFEPSANERIHYGEHFTNMFMRCY
PDRITTQRINKENRLAHLEDLKKYSDTRATGS
;
_entity_poly.pdbx_strand_id   A
#
# COMPACT_ATOMS: atom_id res chain seq x y z
N THR A 4 1.19 20.11 -13.15
CA THR A 4 2.50 19.64 -12.68
C THR A 4 2.97 18.42 -13.49
N ASN A 5 4.26 18.39 -13.83
CA ASN A 5 4.86 17.25 -14.52
C ASN A 5 5.78 16.53 -13.55
N LEU A 6 5.46 15.27 -13.27
CA LEU A 6 6.27 14.51 -12.33
C LEU A 6 7.59 14.11 -12.99
N GLN A 7 8.60 13.91 -12.15
CA GLN A 7 9.86 13.32 -12.60
C GLN A 7 9.67 11.84 -12.89
N THR A 8 10.38 11.35 -13.90
CA THR A 8 10.29 9.97 -14.35
C THR A 8 11.68 9.36 -14.38
N PHE A 9 11.80 8.16 -13.82
CA PHE A 9 13.06 7.45 -13.76
C PHE A 9 12.93 6.06 -14.36
N GLU A 10 14.03 5.56 -14.92
CA GLU A 10 14.14 4.17 -15.31
C GLU A 10 14.99 3.44 -14.27
N LEU A 11 14.46 2.34 -13.73
CA LEU A 11 15.26 1.60 -12.74
C LEU A 11 16.10 0.54 -13.43
N PRO A 12 17.33 0.32 -12.94
CA PRO A 12 18.12 -0.82 -13.44
C PRO A 12 17.52 -2.13 -12.97
N THR A 13 17.71 -3.17 -13.77
CA THR A 13 17.15 -4.48 -13.40
C THR A 13 17.76 -4.99 -12.11
N GLU A 14 19.08 -4.84 -11.96
CA GLU A 14 19.76 -5.17 -10.71
C GLU A 14 20.39 -3.93 -10.14
N VAL A 15 20.40 -3.83 -8.82
CA VAL A 15 21.06 -2.75 -8.10
C VAL A 15 22.25 -3.36 -7.38
N THR A 16 23.46 -2.88 -7.69
CA THR A 16 24.69 -3.46 -7.15
C THR A 16 25.41 -2.59 -6.14
N GLY A 17 25.14 -1.29 -6.08
CA GLY A 17 25.88 -0.41 -5.22
C GLY A 17 26.93 0.42 -5.92
N CYS A 18 26.99 0.38 -7.24
CA CYS A 18 27.97 1.20 -7.94
C CYS A 18 27.65 2.68 -7.74
N ALA A 19 28.61 3.53 -8.07
CA ALA A 19 28.42 4.96 -7.81
C ALA A 19 27.23 5.51 -8.60
N ALA A 20 26.94 4.95 -9.76
CA ALA A 20 25.75 5.40 -10.50
C ALA A 20 24.45 4.97 -9.83
N ASP A 21 24.42 3.81 -9.18
CA ASP A 21 23.26 3.45 -8.37
C ASP A 21 23.08 4.43 -7.22
N ILE A 22 24.17 4.81 -6.56
CA ILE A 22 24.07 5.76 -5.46
C ILE A 22 23.52 7.09 -5.96
N SER A 23 24.02 7.55 -7.11
CA SER A 23 23.55 8.80 -7.69
C SER A 23 22.07 8.74 -8.03
N LEU A 24 21.61 7.61 -8.59
CA LEU A 24 20.19 7.44 -8.87
C LEU A 24 19.38 7.45 -7.58
N GLY A 25 19.82 6.69 -6.58
CA GLY A 25 19.12 6.71 -5.30
C GLY A 25 18.98 8.10 -4.72
N ARG A 26 20.04 8.91 -4.80
CA ARG A 26 19.97 10.28 -4.31
C ARG A 26 18.94 11.08 -5.08
N ALA A 27 18.85 10.86 -6.40
CA ALA A 27 17.88 11.56 -7.23
C ALA A 27 16.46 11.17 -6.83
N LEU A 28 16.22 9.90 -6.53
CA LEU A 28 14.89 9.48 -6.09
C LEU A 28 14.55 10.13 -4.77
N ILE A 29 15.50 10.15 -3.84
CA ILE A 29 15.27 10.81 -2.56
C ILE A 29 14.94 12.29 -2.78
N GLN A 30 15.71 12.96 -3.64
CA GLN A 30 15.46 14.38 -3.90
C GLN A 30 14.08 14.60 -4.48
N ALA A 31 13.65 13.70 -5.37
CA ALA A 31 12.32 13.84 -5.98
C ALA A 31 11.23 13.67 -4.94
N TRP A 32 11.38 12.69 -4.04
CA TRP A 32 10.43 12.60 -2.93
C TRP A 32 10.46 13.85 -2.06
N GLN A 33 11.64 14.40 -1.80
CA GLN A 33 11.75 15.55 -0.91
C GLN A 33 11.20 16.83 -1.53
N LYS A 34 11.18 16.91 -2.86
CA LYS A 34 10.64 18.09 -3.55
C LYS A 34 9.16 17.92 -3.90
N ASP A 35 8.82 16.77 -4.50
CA ASP A 35 7.51 16.56 -5.10
C ASP A 35 6.62 15.58 -4.34
N GLY A 36 7.18 14.79 -3.42
CA GLY A 36 6.42 13.77 -2.70
C GLY A 36 6.16 12.49 -3.47
N ILE A 37 6.61 12.39 -4.71
CA ILE A 37 6.25 11.30 -5.60
C ILE A 37 7.13 11.37 -6.84
N PHE A 38 7.31 10.23 -7.51
CA PHE A 38 7.89 10.21 -8.84
C PHE A 38 7.30 9.05 -9.61
N GLN A 39 7.54 9.06 -10.92
CA GLN A 39 7.13 7.99 -11.83
C GLN A 39 8.33 7.10 -12.12
N ILE A 40 8.08 5.80 -12.26
CA ILE A 40 9.04 4.85 -12.81
C ILE A 40 8.49 4.25 -14.10
N LYS A 41 9.32 4.22 -15.13
CA LYS A 41 8.91 3.68 -16.42
C LYS A 41 8.69 2.17 -16.30
N THR A 42 7.65 1.69 -16.95
CA THR A 42 7.41 0.26 -17.04
C THR A 42 7.83 -0.27 -18.41
N ASP A 43 8.31 -1.51 -18.42
CA ASP A 43 8.59 -2.17 -19.68
C ASP A 43 7.32 -2.84 -20.20
N SER A 44 7.40 -3.47 -21.38
CA SER A 44 6.16 -3.93 -22.01
C SER A 44 5.48 -5.00 -21.19
N GLU A 45 6.25 -5.84 -20.49
CA GLU A 45 5.66 -6.88 -19.65
C GLU A 45 5.07 -6.32 -18.36
N GLN A 46 5.79 -5.41 -17.70
CA GLN A 46 5.24 -4.75 -16.53
C GLN A 46 3.92 -4.05 -16.88
N ASP A 47 3.90 -3.39 -18.03
CA ASP A 47 2.69 -2.69 -18.46
C ASP A 47 1.57 -3.66 -18.78
N ARG A 48 1.87 -4.76 -19.49
CA ARG A 48 0.84 -5.71 -19.84
C ARG A 48 0.19 -6.32 -18.59
N LYS A 49 1.03 -6.68 -17.61
CA LYS A 49 0.53 -7.27 -16.38
C LYS A 49 -0.30 -6.28 -15.59
N THR A 50 0.05 -4.99 -15.64
CA THR A 50 -0.76 -3.97 -15.00
C THR A 50 -2.15 -3.94 -15.63
N GLN A 51 -2.21 -3.92 -16.97
N GLN A 51 -2.20 -3.84 -16.96
CA GLN A 51 -3.49 -3.81 -17.65
CA GLN A 51 -3.48 -3.73 -17.65
C GLN A 51 -4.32 -5.09 -17.51
C GLN A 51 -4.33 -4.97 -17.41
N GLU A 52 -3.69 -6.25 -17.41
N GLU A 52 -3.71 -6.16 -17.46
CA GLU A 52 -4.44 -7.49 -17.21
CA GLU A 52 -4.47 -7.38 -17.22
C GLU A 52 -5.00 -7.58 -15.79
C GLU A 52 -5.08 -7.38 -15.83
N ALA A 53 -4.31 -6.98 -14.82
CA ALA A 53 -4.86 -6.88 -13.47
C ALA A 53 -6.06 -5.95 -13.42
N MET A 54 -5.97 -4.81 -14.09
N MET A 54 -5.96 -4.79 -14.06
CA MET A 54 -7.10 -3.89 -14.11
CA MET A 54 -7.10 -3.88 -14.09
C MET A 54 -8.31 -4.50 -14.80
C MET A 54 -8.30 -4.51 -14.78
N ALA A 55 -8.07 -5.30 -15.85
CA ALA A 55 -9.19 -5.94 -16.55
C ALA A 55 -9.85 -7.00 -15.67
N ALA A 56 -9.04 -7.77 -14.94
CA ALA A 56 -9.58 -8.75 -14.00
C ALA A 56 -10.43 -8.06 -12.92
N SER A 57 -9.94 -6.93 -12.41
CA SER A 57 -10.69 -6.16 -11.43
C SER A 57 -12.04 -5.71 -12.00
N LYS A 58 -12.02 -5.17 -13.22
CA LYS A 58 -13.26 -4.71 -13.84
C LYS A 58 -14.27 -5.84 -13.98
N GLN A 59 -13.81 -7.02 -14.43
N GLN A 59 -13.82 -7.03 -14.35
CA GLN A 59 -14.72 -8.17 -14.55
CA GLN A 59 -14.78 -8.11 -14.56
C GLN A 59 -15.33 -8.53 -13.22
C GLN A 59 -15.27 -8.73 -13.26
N PHE A 60 -14.48 -8.67 -12.19
CA PHE A 60 -14.96 -9.06 -10.87
C PHE A 60 -15.98 -8.07 -10.33
N CYS A 61 -15.71 -6.77 -10.49
CA CYS A 61 -16.62 -5.77 -9.92
C CYS A 61 -17.99 -5.79 -10.60
N LYS A 62 -18.09 -6.36 -11.79
CA LYS A 62 -19.39 -6.48 -12.46
C LYS A 62 -20.22 -7.63 -11.91
N GLU A 63 -19.65 -8.51 -11.09
CA GLU A 63 -20.41 -9.57 -10.47
C GLU A 63 -21.39 -8.98 -9.45
N PRO A 64 -22.47 -9.70 -9.15
CA PRO A 64 -23.41 -9.20 -8.14
C PRO A 64 -22.78 -9.15 -6.75
N LEU A 65 -23.26 -8.20 -5.94
CA LEU A 65 -22.74 -8.01 -4.60
C LEU A 65 -22.83 -9.30 -3.78
N THR A 66 -23.90 -10.09 -3.97
CA THR A 66 -24.00 -11.35 -3.23
C THR A 66 -22.78 -12.22 -3.44
N PHE A 67 -22.28 -12.31 -4.67
CA PHE A 67 -21.06 -13.08 -4.92
C PHE A 67 -19.82 -12.38 -4.37
N LYS A 68 -19.67 -11.08 -4.66
CA LYS A 68 -18.49 -10.36 -4.21
C LYS A 68 -18.33 -10.44 -2.69
N SER A 69 -19.44 -10.31 -1.97
N SER A 69 -19.42 -10.29 -1.95
CA SER A 69 -19.42 -10.36 -0.50
CA SER A 69 -19.36 -10.33 -0.49
C SER A 69 -18.97 -11.71 0.02
C SER A 69 -19.14 -11.73 0.06
N SER A 70 -19.14 -12.77 -0.78
CA SER A 70 -18.72 -14.09 -0.35
C SER A 70 -17.21 -14.28 -0.39
N CYS A 71 -16.48 -13.34 -0.99
CA CYS A 71 -15.03 -13.47 -1.14
C CYS A 71 -14.35 -12.86 0.08
N VAL A 72 -14.53 -13.55 1.19
CA VAL A 72 -14.01 -13.14 2.50
C VAL A 72 -13.50 -14.39 3.20
N SER A 73 -12.63 -14.17 4.20
CA SER A 73 -12.00 -15.24 4.96
C SER A 73 -12.00 -14.88 6.43
N ASP A 74 -12.15 -15.89 7.28
CA ASP A 74 -12.01 -15.68 8.72
C ASP A 74 -10.59 -15.88 9.22
N LEU A 75 -9.63 -16.08 8.33
CA LEU A 75 -8.22 -16.28 8.67
C LEU A 75 -7.35 -15.13 8.22
N THR A 76 -7.63 -14.56 7.06
CA THR A 76 -6.86 -13.45 6.51
C THR A 76 -7.81 -12.30 6.22
N TYR A 77 -7.27 -11.07 6.22
CA TYR A 77 -8.04 -9.90 5.80
C TYR A 77 -8.16 -9.78 4.28
N SER A 78 -7.51 -10.66 3.54
CA SER A 78 -7.63 -10.62 2.08
C SER A 78 -9.08 -10.79 1.68
N GLY A 79 -9.43 -10.16 0.58
CA GLY A 79 -10.76 -10.31 0.02
C GLY A 79 -11.52 -8.99 -0.07
N TYR A 80 -12.83 -9.12 -0.19
CA TYR A 80 -13.66 -8.01 -0.65
C TYR A 80 -14.13 -7.12 0.50
N VAL A 81 -14.10 -5.81 0.24
CA VAL A 81 -14.67 -4.79 1.13
C VAL A 81 -15.61 -3.96 0.28
N ALA A 82 -16.88 -3.93 0.66
CA ALA A 82 -17.83 -3.18 -0.12
C ALA A 82 -17.61 -1.68 0.07
N SER A 83 -18.15 -0.92 -0.87
N SER A 83 -18.12 -0.92 -0.88
CA SER A 83 -18.14 0.53 -0.78
CA SER A 83 -18.10 0.53 -0.74
C SER A 83 -18.92 0.99 0.46
C SER A 83 -18.85 0.93 0.52
N GLY A 84 -18.35 1.97 1.16
CA GLY A 84 -18.96 2.48 2.38
C GLY A 84 -18.60 1.75 3.65
N GLU A 85 -17.75 0.71 3.58
CA GLU A 85 -17.29 0.02 4.79
C GLU A 85 -16.05 0.65 5.42
N GLU A 86 -15.14 1.20 4.63
CA GLU A 86 -13.98 1.92 5.16
C GLU A 86 -14.33 3.36 5.49
N VAL A 87 -13.62 3.91 6.47
CA VAL A 87 -13.85 5.26 6.96
C VAL A 87 -12.51 6.01 7.06
N THR A 88 -12.49 7.26 6.60
CA THR A 88 -11.32 8.13 6.74
C THR A 88 -11.74 9.41 7.47
N ALA A 89 -11.04 9.72 8.56
CA ALA A 89 -11.40 10.86 9.39
C ALA A 89 -12.89 10.82 9.75
N GLY A 90 -13.38 9.62 10.01
CA GLY A 90 -14.75 9.42 10.44
C GLY A 90 -15.80 9.46 9.37
N LYS A 91 -15.42 9.64 8.10
CA LYS A 91 -16.37 9.73 6.99
C LYS A 91 -16.24 8.49 6.12
N PRO A 92 -17.29 7.70 5.89
CA PRO A 92 -17.16 6.52 5.03
C PRO A 92 -16.66 6.88 3.64
N ASP A 93 -15.80 6.03 3.08
CA ASP A 93 -15.20 6.23 1.77
CA ASP A 93 -15.25 6.27 1.77
C ASP A 93 -16.00 5.47 0.71
N PHE A 94 -15.73 5.81 -0.56
CA PHE A 94 -16.54 5.32 -1.68
C PHE A 94 -16.07 4.07 -2.43
N PRO A 95 -14.78 3.74 -2.51
CA PRO A 95 -14.42 2.64 -3.42
C PRO A 95 -14.79 1.28 -2.86
N GLU A 96 -14.98 0.34 -3.79
CA GLU A 96 -14.96 -1.06 -3.41
C GLU A 96 -13.54 -1.57 -3.58
N ILE A 97 -13.13 -2.48 -2.70
CA ILE A 97 -11.75 -2.90 -2.59
C ILE A 97 -11.68 -4.42 -2.55
N PHE A 98 -10.68 -4.99 -3.22
CA PHE A 98 -10.25 -6.36 -2.97
C PHE A 98 -8.81 -6.26 -2.50
N THR A 99 -8.56 -6.67 -1.26
CA THR A 99 -7.20 -6.65 -0.70
C THR A 99 -6.53 -8.01 -0.90
N VAL A 100 -5.33 -7.99 -1.45
CA VAL A 100 -4.53 -9.20 -1.65
C VAL A 100 -3.36 -9.15 -0.70
N CYS A 101 -3.38 -9.99 0.34
CA CYS A 101 -2.27 -10.22 1.24
C CYS A 101 -1.57 -11.53 0.82
N LYS A 102 -0.50 -11.87 1.53
CA LYS A 102 0.25 -13.10 1.26
C LYS A 102 -0.70 -14.29 1.20
N ASP A 103 -0.62 -15.05 0.11
CA ASP A 103 -1.55 -16.15 -0.16
C ASP A 103 -0.95 -17.42 0.40
N LEU A 104 -1.36 -17.79 1.60
CA LEU A 104 -0.78 -18.92 2.31
C LEU A 104 -1.80 -20.04 2.46
N SER A 105 -1.40 -21.25 2.09
CA SER A 105 -2.31 -22.36 2.18
C SER A 105 -2.48 -22.81 3.64
N VAL A 106 -3.52 -23.58 3.89
CA VAL A 106 -3.78 -24.05 5.24
C VAL A 106 -2.70 -25.00 5.73
N GLY A 107 -1.83 -25.48 4.84
CA GLY A 107 -0.69 -26.29 5.25
C GLY A 107 0.53 -25.50 5.64
N ASP A 108 0.52 -24.19 5.44
CA ASP A 108 1.64 -23.35 5.84
C ASP A 108 1.76 -23.35 7.35
N GLN A 109 3.00 -23.41 7.87
N GLN A 109 3.01 -23.38 7.83
CA GLN A 109 3.12 -23.58 9.32
CA GLN A 109 3.28 -23.51 9.26
C GLN A 109 2.59 -22.38 10.09
C GLN A 109 2.63 -22.40 10.06
N ARG A 110 2.58 -21.19 9.49
CA ARG A 110 2.02 -20.03 10.20
C ARG A 110 0.51 -20.12 10.29
N VAL A 111 -0.14 -20.63 9.24
CA VAL A 111 -1.59 -20.81 9.27
C VAL A 111 -1.97 -21.93 10.23
N LYS A 112 -1.24 -23.04 10.18
CA LYS A 112 -1.49 -24.13 11.12
C LYS A 112 -1.38 -23.64 12.56
N ALA A 113 -0.46 -22.72 12.83
CA ALA A 113 -0.24 -22.19 14.16
C ALA A 113 -1.22 -21.08 14.53
N GLY A 114 -2.11 -20.71 13.62
CA GLY A 114 -3.13 -19.71 13.89
C GLY A 114 -2.62 -18.30 14.03
N TRP A 115 -1.50 -17.95 13.40
CA TRP A 115 -1.02 -16.58 13.49
C TRP A 115 -2.08 -15.63 12.94
N PRO A 116 -2.34 -14.51 13.60
CA PRO A 116 -3.38 -13.60 13.09
C PRO A 116 -3.03 -13.13 11.68
N CYS A 117 -4.05 -13.05 10.83
CA CYS A 117 -3.99 -12.47 9.50
C CYS A 117 -3.41 -13.43 8.46
N HIS A 118 -3.01 -14.65 8.83
CA HIS A 118 -2.34 -15.57 7.90
C HIS A 118 -3.35 -16.59 7.37
N GLY A 119 -3.48 -16.66 6.05
CA GLY A 119 -4.38 -17.62 5.44
C GLY A 119 -4.49 -17.44 3.94
N PRO A 120 -5.30 -18.29 3.31
CA PRO A 120 -5.43 -18.26 1.84
C PRO A 120 -6.36 -17.16 1.37
N VAL A 121 -5.96 -16.48 0.30
CA VAL A 121 -6.79 -15.44 -0.30
C VAL A 121 -8.08 -16.06 -0.81
N PRO A 122 -9.27 -15.46 -0.51
CA PRO A 122 -10.55 -15.96 -1.08
C PRO A 122 -10.77 -15.44 -2.49
N TRP A 123 -9.99 -16.00 -3.42
CA TRP A 123 -9.98 -15.51 -4.79
C TRP A 123 -11.35 -15.70 -5.43
N PRO A 124 -11.79 -14.75 -6.26
CA PRO A 124 -13.07 -14.97 -6.96
C PRO A 124 -12.98 -16.02 -8.04
N ASN A 125 -11.82 -16.19 -8.66
CA ASN A 125 -11.60 -17.18 -9.70
C ASN A 125 -10.10 -17.27 -9.93
N ASN A 126 -9.68 -18.31 -10.68
CA ASN A 126 -8.25 -18.58 -10.87
C ASN A 126 -7.62 -17.58 -11.85
N THR A 127 -8.40 -17.04 -12.77
CA THR A 127 -7.86 -16.07 -13.73
C THR A 127 -7.49 -14.78 -13.02
N TYR A 128 -8.36 -14.31 -12.13
CA TYR A 128 -8.06 -13.17 -11.26
C TYR A 128 -6.84 -13.46 -10.38
N GLN A 129 -6.80 -14.64 -9.74
CA GLN A 129 -5.63 -15.05 -8.95
C GLN A 129 -4.34 -14.92 -9.75
N LYS A 130 -4.31 -15.49 -10.96
CA LYS A 130 -3.08 -15.47 -11.75
C LYS A 130 -2.69 -14.05 -12.13
N SER A 131 -3.67 -13.23 -12.51
CA SER A 131 -3.36 -11.87 -12.93
C SER A 131 -2.77 -11.07 -11.78
N MET A 132 -3.35 -11.21 -10.58
CA MET A 132 -2.86 -10.44 -9.45
C MET A 132 -1.51 -10.93 -8.99
N LYS A 133 -1.30 -12.25 -8.95
CA LYS A 133 -0.02 -12.79 -8.52
C LYS A 133 1.11 -12.38 -9.46
N THR A 134 0.87 -12.48 -10.78
N THR A 134 0.89 -12.45 -10.79
CA THR A 134 1.89 -12.09 -11.74
CA THR A 134 1.98 -12.08 -11.69
C THR A 134 2.25 -10.61 -11.59
C THR A 134 2.26 -10.58 -11.65
N PHE A 135 1.23 -9.75 -11.48
CA PHE A 135 1.44 -8.32 -11.28
C PHE A 135 2.21 -8.05 -9.99
N MET A 136 1.81 -8.68 -8.89
CA MET A 136 2.49 -8.44 -7.61
C MET A 136 3.93 -8.95 -7.61
N GLU A 137 4.23 -9.98 -8.39
N GLU A 137 4.21 -9.99 -8.38
CA GLU A 137 5.63 -10.40 -8.49
CA GLU A 137 5.59 -10.45 -8.57
C GLU A 137 6.48 -9.32 -9.14
C GLU A 137 6.46 -9.34 -9.15
N GLU A 138 5.98 -8.69 -10.21
CA GLU A 138 6.73 -7.58 -10.80
C GLU A 138 6.82 -6.41 -9.84
N LEU A 139 5.72 -6.07 -9.16
CA LEU A 139 5.73 -4.95 -8.24
C LEU A 139 6.76 -5.19 -7.14
N GLY A 140 6.87 -6.43 -6.65
CA GLY A 140 7.85 -6.73 -5.62
C GLY A 140 9.28 -6.58 -6.09
N LEU A 141 9.57 -6.98 -7.32
CA LEU A 141 10.91 -6.79 -7.85
C LEU A 141 11.25 -5.30 -7.94
N ALA A 142 10.30 -4.47 -8.33
CA ALA A 142 10.51 -3.03 -8.33
C ALA A 142 10.71 -2.49 -6.92
N GLY A 143 9.89 -2.95 -5.96
CA GLY A 143 10.04 -2.51 -4.59
C GLY A 143 11.41 -2.81 -4.02
N GLU A 144 11.95 -3.99 -4.32
CA GLU A 144 13.28 -4.32 -3.83
C GLU A 144 14.33 -3.41 -4.47
N ARG A 145 14.23 -3.17 -5.78
CA ARG A 145 15.16 -2.22 -6.41
C ARG A 145 15.10 -0.85 -5.75
N LEU A 146 13.88 -0.35 -5.54
CA LEU A 146 13.69 0.97 -4.95
C LEU A 146 14.30 1.05 -3.55
N LEU A 147 14.15 -0.01 -2.75
CA LEU A 147 14.66 0.04 -1.37
C LEU A 147 16.17 -0.09 -1.33
N LYS A 148 16.77 -0.81 -2.28
CA LYS A 148 18.23 -0.79 -2.34
C LYS A 148 18.74 0.57 -2.75
N LEU A 149 18.10 1.20 -3.74
CA LEU A 149 18.50 2.54 -4.17
C LEU A 149 18.32 3.57 -3.06
N THR A 150 17.23 3.47 -2.30
CA THR A 150 16.99 4.42 -1.21
C THR A 150 18.07 4.31 -0.13
N ALA A 151 18.38 3.08 0.30
CA ALA A 151 19.46 2.89 1.25
C ALA A 151 20.76 3.50 0.72
N LEU A 152 21.13 3.15 -0.52
CA LEU A 152 22.37 3.64 -1.08
C LEU A 152 22.40 5.16 -1.14
N GLY A 153 21.28 5.78 -1.51
CA GLY A 153 21.24 7.23 -1.59
C GLY A 153 21.49 7.90 -0.25
N PHE A 154 21.06 7.27 0.85
CA PHE A 154 21.32 7.75 2.21
C PHE A 154 22.66 7.25 2.76
N GLU A 155 23.48 6.61 1.94
CA GLU A 155 24.81 6.12 2.33
C GLU A 155 24.71 5.07 3.44
N LEU A 156 23.66 4.26 3.36
CA LEU A 156 23.43 3.14 4.26
C LEU A 156 23.79 1.84 3.55
N PRO A 157 24.07 0.77 4.30
CA PRO A 157 24.29 -0.53 3.68
C PRO A 157 23.15 -0.89 2.72
N ILE A 158 23.52 -1.45 1.57
CA ILE A 158 22.60 -1.70 0.47
C ILE A 158 21.40 -2.52 0.91
N ASN A 159 21.60 -3.36 1.92
N ASN A 159 21.56 -3.42 1.87
CA ASN A 159 20.65 -4.33 2.44
CA ASN A 159 20.43 -4.25 2.28
C ASN A 159 19.79 -3.81 3.59
C ASN A 159 19.85 -3.82 3.63
N THR A 160 19.96 -2.53 3.97
CA THR A 160 19.35 -2.01 5.20
C THR A 160 17.83 -2.26 5.22
N PHE A 161 17.13 -1.93 4.14
CA PHE A 161 15.68 -2.14 4.10
C PHE A 161 15.32 -3.54 3.62
N THR A 162 16.04 -4.08 2.63
CA THR A 162 15.67 -5.39 2.11
C THR A 162 15.87 -6.51 3.13
N ASP A 163 16.77 -6.34 4.10
CA ASP A 163 16.85 -7.32 5.19
C ASP A 163 15.51 -7.41 5.93
N LEU A 164 14.82 -6.29 6.08
CA LEU A 164 13.54 -6.30 6.78
C LEU A 164 12.40 -6.84 5.92
N THR A 165 12.52 -6.79 4.58
CA THR A 165 11.43 -7.15 3.68
C THR A 165 11.55 -8.55 3.12
N ARG A 166 12.53 -9.35 3.57
CA ARG A 166 12.58 -10.75 3.18
C ARG A 166 11.28 -11.45 3.55
N ASP A 167 10.65 -12.12 2.58
CA ASP A 167 9.30 -12.67 2.76
C ASP A 167 8.37 -11.62 3.38
N GLY A 168 8.48 -10.38 2.88
CA GLY A 168 7.74 -9.29 3.46
C GLY A 168 6.24 -9.44 3.30
N TRP A 169 5.53 -8.70 4.15
CA TRP A 169 4.07 -8.78 4.19
C TRP A 169 3.47 -7.87 3.12
N HIS A 170 3.88 -8.06 1.88
CA HIS A 170 3.45 -7.20 0.80
C HIS A 170 1.97 -7.44 0.53
N HIS A 171 1.25 -6.36 0.26
CA HIS A 171 -0.17 -6.53 -0.01
C HIS A 171 -0.62 -5.42 -0.93
N MET A 172 -1.78 -5.62 -1.54
CA MET A 172 -2.25 -4.70 -2.57
C MET A 172 -3.74 -4.45 -2.41
N ARG A 173 -4.12 -3.17 -2.53
CA ARG A 173 -5.53 -2.76 -2.62
C ARG A 173 -5.90 -2.65 -4.09
N VAL A 174 -6.86 -3.45 -4.51
CA VAL A 174 -7.37 -3.43 -5.87
C VAL A 174 -8.70 -2.66 -5.80
N LEU A 175 -8.74 -1.46 -6.34
CA LEU A 175 -9.80 -0.49 -6.07
C LEU A 175 -10.64 -0.17 -7.30
N ARG A 176 -11.94 0.03 -7.08
N ARG A 176 -11.94 0.04 -7.07
CA ARG A 176 -12.79 0.65 -8.08
CA ARG A 176 -12.82 0.63 -8.05
C ARG A 176 -13.60 1.75 -7.41
C ARG A 176 -13.59 1.76 -7.38
N PHE A 177 -13.41 2.96 -7.90
CA PHE A 177 -14.20 4.11 -7.46
C PHE A 177 -15.40 4.28 -8.37
N PRO A 178 -16.58 4.50 -7.81
CA PRO A 178 -17.76 4.74 -8.63
C PRO A 178 -17.69 6.09 -9.32
N PRO A 179 -18.50 6.30 -10.36
CA PRO A 179 -18.67 7.66 -10.87
C PRO A 179 -19.31 8.54 -9.81
N GLN A 180 -19.05 9.83 -9.92
CA GLN A 180 -19.75 10.82 -9.09
C GLN A 180 -21.24 10.75 -9.39
N THR A 181 -22.05 10.71 -8.33
CA THR A 181 -23.51 10.63 -8.47
C THR A 181 -24.26 11.75 -7.79
N SER A 182 -23.57 12.69 -7.16
CA SER A 182 -24.18 13.82 -6.49
C SER A 182 -23.14 14.93 -6.45
N THR A 183 -23.41 15.98 -5.67
CA THR A 183 -22.39 17.01 -5.48
C THR A 183 -21.19 16.51 -4.70
N LEU A 184 -21.28 15.34 -4.08
CA LEU A 184 -20.17 14.81 -3.29
C LEU A 184 -19.11 14.20 -4.19
N SER A 185 -17.85 14.54 -3.95
CA SER A 185 -16.79 13.99 -4.78
C SER A 185 -15.58 13.45 -4.03
N ARG A 186 -15.62 13.42 -2.71
CA ARG A 186 -14.48 12.92 -1.92
C ARG A 186 -14.53 11.39 -1.90
N GLY A 187 -13.80 10.76 -2.81
CA GLY A 187 -13.78 9.31 -2.88
C GLY A 187 -13.05 8.67 -1.70
N ILE A 188 -11.86 9.19 -1.39
CA ILE A 188 -11.17 8.93 -0.13
C ILE A 188 -10.59 10.25 0.33
N GLY A 189 -10.72 10.54 1.63
CA GLY A 189 -10.17 11.77 2.18
C GLY A 189 -8.65 11.73 2.30
N ALA A 190 -8.10 12.89 2.63
CA ALA A 190 -6.67 13.01 2.82
C ALA A 190 -6.19 12.07 3.92
N HIS A 191 -5.10 11.35 3.65
CA HIS A 191 -4.53 10.43 4.61
C HIS A 191 -3.11 10.11 4.17
N THR A 192 -2.37 9.45 5.05
CA THR A 192 -1.10 8.86 4.68
C THR A 192 -1.20 7.34 4.87
N ASP A 193 -0.41 6.61 4.07
CA ASP A 193 -0.44 5.16 4.09
C ASP A 193 0.47 4.64 5.19
N TYR A 194 0.04 3.55 5.84
CA TYR A 194 0.64 3.07 7.08
C TYR A 194 1.91 2.28 6.87
N GLY A 195 2.25 1.93 5.63
CA GLY A 195 3.31 0.99 5.35
C GLY A 195 4.63 1.63 5.00
N LEU A 196 5.47 0.82 4.35
CA LEU A 196 6.85 1.22 4.05
C LEU A 196 6.97 1.99 2.74
N LEU A 197 6.70 1.30 1.61
CA LEU A 197 6.82 1.89 0.30
C LEU A 197 5.53 1.64 -0.47
N VAL A 198 5.03 2.64 -1.20
CA VAL A 198 3.81 2.49 -1.99
C VAL A 198 4.11 2.63 -3.48
N ILE A 199 3.67 1.65 -4.27
CA ILE A 199 3.74 1.71 -5.73
C ILE A 199 2.30 1.70 -6.21
N ALA A 200 1.92 2.72 -6.98
CA ALA A 200 0.54 2.91 -7.41
C ALA A 200 0.42 2.81 -8.93
N ALA A 201 -0.64 2.17 -9.39
CA ALA A 201 -0.97 2.12 -10.81
C ALA A 201 -2.43 2.53 -10.99
N GLN A 202 -2.72 3.12 -12.13
CA GLN A 202 -4.09 3.55 -12.40
C GLN A 202 -4.43 3.43 -13.87
N ASP A 203 -5.73 3.44 -14.15
CA ASP A 203 -6.23 3.47 -15.52
C ASP A 203 -6.18 4.90 -16.04
N ASP A 204 -6.86 5.17 -17.15
CA ASP A 204 -6.76 6.46 -17.83
C ASP A 204 -7.70 7.53 -17.28
N VAL A 205 -8.42 7.25 -16.20
CA VAL A 205 -9.55 8.12 -15.81
C VAL A 205 -9.07 9.34 -15.03
N GLY A 206 -8.35 9.11 -13.95
CA GLY A 206 -7.78 10.17 -13.14
C GLY A 206 -8.55 10.44 -11.87
N GLY A 207 -7.85 10.77 -10.79
CA GLY A 207 -8.50 11.14 -9.56
C GLY A 207 -7.61 11.23 -8.33
N LEU A 208 -6.36 10.77 -8.43
CA LEU A 208 -5.43 10.78 -7.31
C LEU A 208 -4.71 12.12 -7.22
N TYR A 209 -4.70 12.68 -6.01
CA TYR A 209 -3.97 13.92 -5.71
C TYR A 209 -3.03 13.62 -4.54
N ILE A 210 -1.83 14.20 -4.61
CA ILE A 210 -0.83 14.00 -3.57
C ILE A 210 -0.31 15.36 -3.10
N ARG A 211 0.18 15.41 -1.86
CA ARG A 211 0.71 16.65 -1.32
C ARG A 211 2.22 16.58 -1.21
N PRO A 212 2.97 17.46 -1.86
CA PRO A 212 4.43 17.46 -1.72
C PRO A 212 4.83 17.97 -0.34
N PRO A 213 6.08 17.75 0.06
CA PRO A 213 6.58 18.41 1.27
C PRO A 213 6.48 19.93 1.12
N VAL A 214 6.20 20.60 2.24
CA VAL A 214 5.94 22.04 2.27
C VAL A 214 6.83 22.67 3.33
N GLU A 215 7.62 23.65 2.92
CA GLU A 215 8.54 24.29 3.85
C GLU A 215 7.75 24.94 4.99
N GLY A 216 8.12 24.60 6.23
CA GLY A 216 7.51 25.18 7.41
C GLY A 216 6.27 24.48 7.90
N GLU A 217 5.81 23.45 7.19
CA GLU A 217 4.54 22.82 7.51
C GLU A 217 4.76 21.63 8.43
N LYS A 218 4.04 21.61 9.54
CA LYS A 218 4.18 20.53 10.51
C LYS A 218 3.44 19.29 10.03
N ARG A 219 4.12 18.14 10.05
CA ARG A 219 3.55 16.87 9.66
C ARG A 219 3.46 15.94 10.85
N ASN A 220 2.31 15.31 11.01
CA ASN A 220 2.12 14.37 12.09
C ASN A 220 2.81 13.03 11.81
N ARG A 221 3.08 12.32 12.89
CA ARG A 221 3.67 10.98 12.84
C ARG A 221 2.50 10.00 13.00
N ASN A 222 1.96 9.55 11.86
CA ASN A 222 0.68 8.84 11.85
C ASN A 222 0.76 7.46 12.49
N TRP A 223 1.96 6.94 12.74
CA TRP A 223 2.08 5.69 13.50
C TRP A 223 1.84 5.88 15.00
N LEU A 224 1.73 7.12 15.51
CA LEU A 224 1.56 7.38 16.93
C LEU A 224 0.10 7.65 17.27
N PRO A 225 -0.41 7.10 18.38
CA PRO A 225 -1.76 7.44 18.82
C PRO A 225 -1.82 8.92 19.18
N GLY A 226 -2.83 9.61 18.64
CA GLY A 226 -2.98 11.04 18.89
C GLY A 226 -2.29 11.94 17.89
N GLU A 227 -1.59 11.37 16.90
CA GLU A 227 -0.99 12.14 15.82
C GLU A 227 -1.48 11.67 14.46
N SER A 228 -2.78 11.42 14.34
CA SER A 228 -3.29 10.97 13.05
C SER A 228 -3.09 12.04 11.99
N SER A 229 -2.72 11.60 10.79
CA SER A 229 -2.64 12.47 9.63
C SER A 229 -3.96 12.55 8.87
N ALA A 230 -4.99 11.82 9.31
CA ALA A 230 -6.23 11.75 8.55
C ALA A 230 -6.92 13.12 8.52
N GLY A 231 -7.30 13.54 7.32
CA GLY A 231 -7.99 14.80 7.10
C GLY A 231 -7.11 16.01 7.02
N MET A 232 -5.83 15.91 7.38
N MET A 232 -5.83 15.90 7.37
CA MET A 232 -5.01 17.09 7.43
CA MET A 232 -4.99 17.09 7.45
C MET A 232 -4.74 17.64 6.03
C MET A 232 -4.69 17.64 6.05
N PHE A 233 -4.82 18.96 5.91
CA PHE A 233 -4.52 19.71 4.70
C PHE A 233 -5.53 19.51 3.59
N GLU A 234 -6.66 18.85 3.87
CA GLU A 234 -7.55 18.41 2.81
C GLU A 234 -8.04 19.56 1.93
N HIS A 235 -8.24 20.76 2.51
CA HIS A 235 -8.80 21.89 1.77
C HIS A 235 -7.81 23.02 1.51
N ASP A 236 -6.51 22.74 1.63
CA ASP A 236 -5.47 23.74 1.40
C ASP A 236 -4.49 23.26 0.35
N GLU A 237 -4.07 24.17 -0.53
CA GLU A 237 -3.01 23.87 -1.45
C GLU A 237 -1.70 23.70 -0.68
N PRO A 238 -0.70 23.05 -1.28
CA PRO A 238 -0.66 22.49 -2.62
C PRO A 238 -1.10 21.03 -2.70
N TRP A 239 -1.88 20.70 -3.73
CA TRP A 239 -2.17 19.32 -4.09
C TRP A 239 -1.84 19.12 -5.55
N THR A 240 -1.08 18.08 -5.84
CA THR A 240 -0.67 17.77 -7.20
C THR A 240 -1.56 16.67 -7.75
N PHE A 241 -2.15 16.93 -8.91
CA PHE A 241 -2.93 15.91 -9.60
C PHE A 241 -1.98 14.94 -10.28
N VAL A 242 -2.17 13.65 -10.01
CA VAL A 242 -1.30 12.60 -10.58
C VAL A 242 -1.90 12.23 -11.94
N THR A 243 -1.48 12.93 -12.96
CA THR A 243 -2.11 12.79 -14.26
C THR A 243 -1.93 11.36 -14.78
N PRO A 244 -3.00 10.69 -15.23
CA PRO A 244 -2.80 9.39 -15.86
C PRO A 244 -1.87 9.48 -17.06
N THR A 245 -0.88 8.59 -17.08
CA THR A 245 0.20 8.63 -18.05
C THR A 245 0.51 7.20 -18.46
N PRO A 246 0.52 6.88 -19.76
CA PRO A 246 0.88 5.52 -20.16
C PRO A 246 2.31 5.18 -19.77
N GLY A 247 2.50 3.90 -19.43
CA GLY A 247 3.84 3.36 -19.26
C GLY A 247 4.59 3.77 -18.02
N VAL A 248 3.89 4.07 -16.93
CA VAL A 248 4.52 4.40 -15.66
C VAL A 248 3.71 3.78 -14.51
N TRP A 249 4.41 3.55 -13.41
CA TRP A 249 3.83 3.47 -12.07
C TRP A 249 4.29 4.69 -11.30
N THR A 250 3.60 5.03 -10.21
CA THR A 250 4.11 6.05 -9.30
C THR A 250 4.55 5.42 -7.99
N VAL A 251 5.39 6.15 -7.26
CA VAL A 251 6.02 5.63 -6.05
C VAL A 251 6.10 6.75 -5.02
N PHE A 252 5.63 6.49 -3.81
CA PHE A 252 5.77 7.43 -2.70
C PHE A 252 6.05 6.73 -1.38
N PRO A 253 6.67 7.42 -0.42
CA PRO A 253 6.94 6.83 0.90
C PRO A 253 5.69 6.73 1.76
N GLY A 254 5.66 5.67 2.59
CA GLY A 254 4.67 5.53 3.63
C GLY A 254 5.18 5.88 5.02
N ASP A 255 4.30 5.65 6.00
CA ASP A 255 4.58 6.03 7.39
C ASP A 255 5.84 5.37 7.91
N ILE A 256 6.09 4.11 7.54
CA ILE A 256 7.25 3.41 8.10
C ILE A 256 8.53 4.00 7.56
N LEU A 257 8.56 4.48 6.30
CA LEU A 257 9.76 5.15 5.82
C LEU A 257 9.97 6.49 6.50
N GLN A 258 8.89 7.22 6.77
CA GLN A 258 9.01 8.45 7.56
C GLN A 258 9.60 8.16 8.93
N PHE A 259 9.10 7.11 9.60
CA PHE A 259 9.62 6.72 10.90
C PHE A 259 11.09 6.34 10.83
N MET A 260 11.44 5.45 9.91
CA MET A 260 12.82 4.97 9.87
C MET A 260 13.80 6.08 9.51
N THR A 261 13.38 7.03 8.67
CA THR A 261 14.28 8.09 8.24
C THR A 261 14.19 9.33 9.13
N GLY A 262 13.44 9.25 10.22
CA GLY A 262 13.32 10.40 11.12
C GLY A 262 12.74 11.63 10.48
N GLY A 263 11.87 11.47 9.49
CA GLY A 263 11.30 12.62 8.82
C GLY A 263 12.11 13.16 7.66
N GLN A 264 13.26 12.58 7.32
CA GLN A 264 13.95 13.02 6.12
C GLN A 264 13.11 12.74 4.88
N LEU A 265 12.39 11.62 4.88
CA LEU A 265 11.29 11.36 3.98
C LEU A 265 10.00 11.52 4.78
N LEU A 266 8.98 12.04 4.14
CA LEU A 266 7.66 12.22 4.74
C LEU A 266 6.68 11.31 4.03
N SER A 267 5.80 10.68 4.80
CA SER A 267 4.74 9.88 4.21
C SER A 267 3.84 10.80 3.40
N THR A 268 3.65 10.50 2.12
CA THR A 268 2.99 11.46 1.23
C THR A 268 1.49 11.47 1.48
N PRO A 269 0.92 12.62 1.89
CA PRO A 269 -0.54 12.68 1.99
C PRO A 269 -1.16 12.55 0.61
N HIS A 270 -2.29 11.86 0.54
CA HIS A 270 -2.98 11.69 -0.72
C HIS A 270 -4.48 11.55 -0.48
N LYS A 271 -5.24 11.80 -1.54
CA LYS A 271 -6.70 11.75 -1.51
C LYS A 271 -7.17 11.43 -2.92
N VAL A 272 -8.41 10.95 -3.04
CA VAL A 272 -8.95 10.60 -4.35
C VAL A 272 -10.29 11.30 -4.54
N LYS A 273 -10.45 11.94 -5.69
CA LYS A 273 -11.71 12.53 -6.11
C LYS A 273 -12.45 11.56 -7.02
N LEU A 274 -13.77 11.44 -6.83
CA LEU A 274 -14.59 10.73 -7.79
C LEU A 274 -14.59 11.46 -9.13
N ASN A 275 -14.54 10.70 -10.21
CA ASN A 275 -14.54 11.25 -11.56
C ASN A 275 -15.94 11.07 -12.14
N THR A 276 -16.13 11.54 -13.38
CA THR A 276 -17.42 11.42 -14.04
C THR A 276 -17.68 10.02 -14.58
N ARG A 277 -16.68 9.15 -14.54
CA ARG A 277 -16.85 7.73 -14.79
C ARG A 277 -16.07 6.95 -13.74
N GLU A 278 -16.34 5.66 -13.66
CA GLU A 278 -15.65 4.80 -12.71
C GLU A 278 -14.14 4.80 -12.98
N ARG A 279 -13.37 4.59 -11.91
CA ARG A 279 -11.90 4.61 -11.96
C ARG A 279 -11.36 3.35 -11.31
N PHE A 280 -10.47 2.66 -12.01
CA PHE A 280 -9.75 1.51 -11.48
C PHE A 280 -8.31 1.90 -11.16
N ALA A 281 -7.84 1.41 -10.01
CA ALA A 281 -6.49 1.71 -9.55
C ALA A 281 -6.05 0.56 -8.66
N CYS A 282 -4.72 0.44 -8.50
CA CYS A 282 -4.14 -0.50 -7.55
C CYS A 282 -3.09 0.23 -6.74
N ALA A 283 -3.10 0.01 -5.43
CA ALA A 283 -2.10 0.57 -4.52
C ALA A 283 -1.38 -0.61 -3.88
N TYR A 284 -0.10 -0.77 -4.21
CA TYR A 284 0.73 -1.87 -3.74
C TYR A 284 1.64 -1.41 -2.60
N PHE A 285 1.60 -2.14 -1.49
N PHE A 285 1.62 -2.15 -1.49
CA PHE A 285 2.40 -1.83 -0.31
CA PHE A 285 2.39 -1.84 -0.30
C PHE A 285 3.52 -2.86 -0.18
C PHE A 285 3.53 -2.86 -0.18
N HIS A 286 4.76 -2.37 -0.25
CA HIS A 286 5.96 -3.22 -0.13
C HIS A 286 6.43 -3.08 1.31
N GLU A 287 6.34 -4.15 2.08
CA GLU A 287 6.34 -4.09 3.53
C GLU A 287 7.43 -4.94 4.18
N PRO A 288 7.77 -4.64 5.44
CA PRO A 288 8.56 -5.57 6.26
C PRO A 288 7.88 -6.92 6.41
N ASN A 289 8.69 -7.93 6.74
CA ASN A 289 8.22 -9.20 7.25
C ASN A 289 7.30 -8.98 8.45
N PHE A 290 6.26 -9.81 8.56
CA PHE A 290 5.34 -9.75 9.68
C PHE A 290 6.05 -9.80 11.04
N GLU A 291 7.19 -10.49 11.13
CA GLU A 291 7.96 -10.59 12.37
C GLU A 291 9.07 -9.54 12.49
N ALA A 292 9.24 -8.67 11.50
CA ALA A 292 10.30 -7.68 11.54
C ALA A 292 9.85 -6.43 12.28
N SER A 293 10.81 -5.73 12.87
CA SER A 293 10.56 -4.45 13.53
C SER A 293 11.35 -3.37 12.82
N ALA A 294 10.64 -2.32 12.40
CA ALA A 294 11.29 -1.13 11.92
C ALA A 294 11.88 -0.35 13.09
N TYR A 295 12.94 0.40 12.81
CA TYR A 295 13.70 1.12 13.82
C TYR A 295 14.23 2.42 13.20
N PRO A 296 14.54 3.42 14.03
CA PRO A 296 15.10 4.68 13.49
C PRO A 296 16.54 4.50 13.04
N LEU A 297 16.80 4.85 11.79
CA LEU A 297 18.12 4.64 11.20
C LEU A 297 19.13 5.67 11.63
N PHE A 298 18.68 6.90 11.90
CA PHE A 298 19.60 8.00 12.15
C PHE A 298 19.61 8.45 13.61
N GLU A 299 18.87 7.76 14.49
CA GLU A 299 18.86 8.01 15.92
C GLU A 299 19.31 6.72 16.59
N PRO A 300 20.62 6.52 16.72
CA PRO A 300 21.09 5.22 17.23
C PRO A 300 20.53 4.85 18.58
N SER A 301 20.34 5.82 19.48
CA SER A 301 19.95 5.55 20.85
C SER A 301 18.44 5.68 21.08
N ALA A 302 17.63 5.68 20.03
CA ALA A 302 16.19 5.70 20.20
C ALA A 302 15.68 4.26 20.36
N ASN A 303 14.86 4.04 21.37
CA ASN A 303 14.33 2.71 21.65
C ASN A 303 13.02 2.42 20.94
N GLU A 304 12.45 3.41 20.26
CA GLU A 304 11.18 3.22 19.58
C GLU A 304 11.30 2.18 18.46
N ARG A 305 10.27 1.36 18.32
CA ARG A 305 10.20 0.36 17.27
C ARG A 305 8.77 0.26 16.77
N ILE A 306 8.61 -0.18 15.52
CA ILE A 306 7.31 -0.58 14.99
C ILE A 306 7.41 -2.06 14.64
N HIS A 307 6.79 -2.90 15.45
CA HIS A 307 6.70 -4.32 15.12
C HIS A 307 5.64 -4.45 14.05
N TYR A 308 6.02 -4.93 12.87
CA TYR A 308 5.14 -4.79 11.72
C TYR A 308 3.86 -5.60 11.89
N GLY A 309 3.97 -6.86 12.29
CA GLY A 309 2.78 -7.69 12.39
C GLY A 309 1.79 -7.15 13.40
N GLU A 310 2.30 -6.63 14.53
CA GLU A 310 1.43 -5.99 15.50
C GLU A 310 0.74 -4.76 14.91
N HIS A 311 1.51 -3.94 14.20
CA HIS A 311 1.03 -2.74 13.54
C HIS A 311 -0.09 -3.07 12.54
N PHE A 312 0.16 -4.05 11.68
CA PHE A 312 -0.81 -4.45 10.68
C PHE A 312 -2.06 -5.01 11.34
N THR A 313 -1.88 -5.94 12.28
CA THR A 313 -3.03 -6.60 12.88
C THR A 313 -3.93 -5.59 13.59
N ASN A 314 -3.32 -4.71 14.38
N ASN A 314 -3.32 -4.72 14.40
CA ASN A 314 -4.13 -3.73 15.11
CA ASN A 314 -4.10 -3.71 15.12
C ASN A 314 -4.91 -2.84 14.15
C ASN A 314 -4.83 -2.77 14.15
N MET A 315 -4.26 -2.36 13.09
N MET A 315 -4.16 -2.38 13.07
CA MET A 315 -4.94 -1.47 12.15
CA MET A 315 -4.78 -1.52 12.06
C MET A 315 -6.10 -2.17 11.45
C MET A 315 -6.03 -2.17 11.46
N PHE A 316 -5.90 -3.42 11.01
CA PHE A 316 -7.00 -4.09 10.32
C PHE A 316 -8.13 -4.44 11.27
N MET A 317 -7.82 -4.77 12.52
CA MET A 317 -8.89 -5.01 13.50
C MET A 317 -9.70 -3.75 13.73
N ARG A 318 -9.03 -2.58 13.75
CA ARG A 318 -9.73 -1.33 13.97
C ARG A 318 -10.50 -0.88 12.73
N CYS A 319 -9.94 -1.12 11.54
N CYS A 319 -9.95 -1.16 11.54
CA CYS A 319 -10.61 -0.71 10.31
CA CYS A 319 -10.58 -0.71 10.30
C CYS A 319 -11.82 -1.58 10.03
C CYS A 319 -11.74 -1.61 9.87
N TYR A 320 -11.70 -2.89 10.25
CA TYR A 320 -12.74 -3.86 9.87
C TYR A 320 -13.19 -4.60 11.13
N PRO A 321 -13.80 -3.89 12.08
CA PRO A 321 -14.04 -4.48 13.41
C PRO A 321 -15.12 -5.55 13.44
N ASP A 322 -16.04 -5.58 12.47
CA ASP A 322 -17.07 -6.60 12.43
C ASP A 322 -16.79 -7.70 11.42
N ARG A 323 -15.67 -7.64 10.69
CA ARG A 323 -15.35 -8.69 9.73
C ARG A 323 -15.16 -10.00 10.48
N ILE A 324 -15.51 -11.11 9.81
CA ILE A 324 -15.35 -12.41 10.43
C ILE A 324 -13.90 -12.65 10.88
N THR A 325 -12.92 -12.07 10.17
CA THR A 325 -11.52 -12.21 10.53
C THR A 325 -11.26 -11.65 11.93
N THR A 326 -11.82 -10.47 12.22
CA THR A 326 -11.63 -9.85 13.52
C THR A 326 -12.33 -10.65 14.60
N GLN A 327 -13.53 -11.16 14.32
CA GLN A 327 -14.26 -11.96 15.30
C GLN A 327 -13.47 -13.19 15.70
N ARG A 328 -12.86 -13.87 14.72
CA ARG A 328 -12.11 -15.07 15.03
C ARG A 328 -10.85 -14.76 15.82
N ILE A 329 -10.17 -13.64 15.50
CA ILE A 329 -9.02 -13.23 16.31
C ILE A 329 -9.45 -13.09 17.76
N ASN A 330 -10.60 -12.46 18.00
CA ASN A 330 -11.06 -12.25 19.36
C ASN A 330 -11.50 -13.57 20.00
N LYS A 331 -12.24 -14.40 19.27
CA LYS A 331 -12.79 -15.63 19.86
C LYS A 331 -11.68 -16.61 20.25
N GLU A 332 -10.67 -16.73 19.41
CA GLU A 332 -9.60 -17.70 19.59
C GLU A 332 -8.37 -17.11 20.24
N ASN A 333 -8.43 -15.84 20.64
CA ASN A 333 -7.34 -15.16 21.32
C ASN A 333 -6.05 -15.17 20.49
N ARG A 334 -6.19 -14.90 19.20
CA ARG A 334 -5.04 -15.01 18.30
C ARG A 334 -3.98 -13.95 18.56
N LEU A 335 -4.33 -12.84 19.21
CA LEU A 335 -3.31 -11.86 19.55
C LEU A 335 -2.28 -12.42 20.51
N ALA A 336 -2.62 -13.50 21.23
CA ALA A 336 -1.63 -14.15 22.10
C ALA A 336 -0.47 -14.73 21.31
N HIS A 337 -0.72 -15.20 20.08
CA HIS A 337 0.37 -15.69 19.24
C HIS A 337 1.35 -14.57 18.95
N LEU A 338 0.84 -13.36 18.73
CA LEU A 338 1.70 -12.22 18.45
C LEU A 338 2.63 -11.96 19.62
N GLU A 339 2.08 -11.96 20.83
CA GLU A 339 2.92 -11.78 22.02
C GLU A 339 3.97 -12.88 22.10
N ASP A 340 3.59 -14.11 21.77
CA ASP A 340 4.54 -15.22 21.83
C ASP A 340 5.66 -15.04 20.82
N LEU A 341 5.35 -14.58 19.61
CA LEU A 341 6.37 -14.35 18.60
C LEU A 341 7.35 -13.27 19.04
N LYS A 342 6.84 -12.17 19.57
CA LYS A 342 7.69 -11.05 19.97
C LYS A 342 8.61 -11.44 21.13
#